data_5V1M
#
_entry.id   5V1M
#
_cell.length_a   42.512
_cell.length_b   53.219
_cell.length_c   46.638
_cell.angle_alpha   90.00
_cell.angle_beta   107.04
_cell.angle_gamma   90.00
#
_symmetry.space_group_name_H-M   'P 1 21 1'
#
loop_
_entity.id
_entity.type
_entity.pdbx_description
1 polymer 'U6 snRNA phosphodiesterase'
2 non-polymer 'CHLORIDE ION'
3 non-polymer GLYCEROL
4 non-polymer "URIDINE-5'-MONOPHOSPHATE"
5 water water
#
_entity_poly.entity_id   1
_entity_poly.type   'polypeptide(L)'
_entity_poly.pdbx_seq_one_letter_code
;GAHMGNWATHVYVPYEAKEEFLDLLDVLLPHAQTYVPRLVRMKVFHLSLSQSVVLRHHWILPFVQALKARMTSFHRFFFT
ANQVKIYTNQEKTRTFIGLEVTSGHAQFLDLVSEVDRVMEEFNLTTFYQDPSFHLSLAWCVGDARLQLEGQCLQELQAIV
DGFEDAEVLLRVHTEQVRCKSGNKFFSMPLK
;
_entity_poly.pdbx_strand_id   A
#
loop_
_chem_comp.id
_chem_comp.type
_chem_comp.name
_chem_comp.formula
CL non-polymer 'CHLORIDE ION' 'Cl -1'
GOL non-polymer GLYCEROL 'C3 H8 O3'
U5P non-polymer URIDINE-5'-MONOPHOSPHATE 'C9 H13 N2 O9 P'
#
# COMPACT_ATOMS: atom_id res chain seq x y z
N MET A 4 22.01 -16.85 -8.66
CA MET A 4 22.17 -15.42 -8.55
C MET A 4 20.74 -14.95 -8.53
N GLY A 5 20.08 -15.08 -9.67
CA GLY A 5 18.65 -14.93 -9.80
C GLY A 5 18.15 -13.49 -9.92
N ASN A 6 16.88 -13.39 -10.30
CA ASN A 6 16.15 -12.10 -10.34
C ASN A 6 15.08 -12.04 -9.28
N TRP A 7 15.07 -11.00 -8.50
CA TRP A 7 14.40 -10.93 -7.20
C TRP A 7 13.20 -10.00 -7.28
N ALA A 8 12.07 -10.40 -6.71
CA ALA A 8 10.89 -9.57 -6.61
C ALA A 8 11.13 -8.36 -5.78
N THR A 9 10.93 -7.17 -6.33
CA THR A 9 11.29 -5.96 -5.65
C THR A 9 10.12 -4.97 -5.65
N HIS A 10 9.87 -4.40 -4.50
CA HIS A 10 8.66 -3.60 -4.24
C HIS A 10 8.98 -2.46 -3.26
N VAL A 11 8.58 -1.21 -3.56
CA VAL A 11 8.87 -0.06 -2.72
C VAL A 11 7.53 0.43 -2.18
N TYR A 12 7.51 0.72 -0.89
CA TYR A 12 6.25 1.14 -0.25
C TYR A 12 6.47 1.93 1.02
N VAL A 13 5.41 2.55 1.52
CA VAL A 13 5.40 3.19 2.81
C VAL A 13 4.81 2.18 3.80
N PRO A 14 5.55 1.82 4.85
CA PRO A 14 4.95 0.92 5.85
C PRO A 14 3.93 1.67 6.69
N TYR A 15 2.91 0.95 7.12
CA TYR A 15 1.84 1.51 7.93
C TYR A 15 1.85 0.74 9.26
N GLU A 16 2.02 1.48 10.35
CA GLU A 16 2.11 0.93 11.70
C GLU A 16 0.82 0.33 12.16
N ALA A 17 0.88 -0.95 12.43
CA ALA A 17 -0.31 -1.65 12.89
C ALA A 17 -0.54 -1.49 14.43
N LYS A 18 -0.89 -0.29 14.87
CA LYS A 18 -1.15 -0.01 16.28
C LYS A 18 -2.37 -0.85 16.77
N GLU A 19 -2.43 -1.10 18.05
CA GLU A 19 -3.58 -1.82 18.62
CA GLU A 19 -3.58 -1.82 18.62
C GLU A 19 -4.93 -1.17 18.27
N GLU A 20 -4.98 0.16 18.30
CA GLU A 20 -6.21 0.85 17.96
C GLU A 20 -6.67 0.54 16.53
N PHE A 21 -5.73 0.48 15.59
CA PHE A 21 -6.02 0.13 14.23
C PHE A 21 -6.39 -1.35 14.08
N LEU A 22 -5.65 -2.26 14.72
CA LEU A 22 -6.02 -3.63 14.67
C LEU A 22 -7.40 -3.89 15.31
N ASP A 23 -7.73 -3.13 16.36
CA ASP A 23 -9.05 -3.28 17.01
C ASP A 23 -10.16 -2.83 16.08
N LEU A 24 -9.90 -1.78 15.28
CA LEU A 24 -10.88 -1.39 14.28
C LEU A 24 -11.11 -2.51 13.25
N LEU A 25 -10.02 -3.16 12.78
CA LEU A 25 -10.10 -4.30 11.89
C LEU A 25 -10.86 -5.44 12.51
N ASP A 26 -10.77 -5.58 13.85
CA ASP A 26 -11.54 -6.58 14.57
C ASP A 26 -13.05 -6.39 14.44
N VAL A 27 -13.48 -5.15 14.15
CA VAL A 27 -14.89 -4.91 13.93
C VAL A 27 -15.23 -4.96 12.43
N LEU A 28 -14.35 -4.39 11.61
CA LEU A 28 -14.65 -4.25 10.21
C LEU A 28 -14.59 -5.55 9.45
N LEU A 29 -13.53 -6.35 9.69
CA LEU A 29 -13.30 -7.50 8.83
C LEU A 29 -14.35 -8.63 9.06
N PRO A 30 -14.73 -8.88 10.30
CA PRO A 30 -15.81 -9.87 10.44
C PRO A 30 -17.11 -9.45 9.77
N HIS A 31 -17.38 -8.14 9.72
CA HIS A 31 -18.54 -7.71 9.01
C HIS A 31 -18.42 -8.03 7.52
N ALA A 32 -17.23 -7.76 6.92
CA ALA A 32 -17.00 -8.12 5.52
C ALA A 32 -17.06 -9.62 5.31
N GLN A 33 -16.64 -10.40 6.30
CA GLN A 33 -16.68 -11.85 6.19
C GLN A 33 -18.09 -12.49 6.24
N THR A 34 -19.09 -11.72 6.70
CA THR A 34 -20.48 -12.12 6.56
C THR A 34 -20.94 -12.13 5.11
N TYR A 35 -20.25 -11.39 4.28
CA TYR A 35 -20.53 -11.38 2.85
C TYR A 35 -19.60 -12.32 2.12
N VAL A 36 -18.32 -12.30 2.50
CA VAL A 36 -17.27 -13.15 1.87
C VAL A 36 -16.39 -13.76 2.95
N PRO A 37 -16.84 -14.89 3.50
CA PRO A 37 -16.07 -15.53 4.55
C PRO A 37 -14.60 -15.83 4.26
N ARG A 38 -14.21 -16.07 3.00
CA ARG A 38 -12.84 -16.47 2.69
C ARG A 38 -11.82 -15.31 2.62
N LEU A 39 -12.27 -14.11 2.95
CA LEU A 39 -11.35 -12.97 3.13
C LEU A 39 -10.37 -13.32 4.25
N VAL A 40 -9.11 -13.00 3.99
CA VAL A 40 -8.01 -13.17 4.90
C VAL A 40 -7.45 -11.79 5.27
N ARG A 41 -7.21 -11.56 6.56
CA ARG A 41 -6.70 -10.32 7.10
C ARG A 41 -5.26 -10.20 6.70
N MET A 42 -4.84 -9.02 6.24
CA MET A 42 -3.43 -8.78 6.03
CA MET A 42 -3.43 -8.78 6.03
C MET A 42 -2.72 -8.86 7.37
N LYS A 43 -1.49 -9.30 7.31
CA LYS A 43 -0.63 -9.37 8.50
C LYS A 43 0.19 -8.09 8.69
N VAL A 44 0.59 -7.50 7.58
CA VAL A 44 1.37 -6.31 7.58
C VAL A 44 0.69 -5.36 6.60
N PHE A 45 1.00 -4.08 6.74
CA PHE A 45 0.23 -3.06 6.07
C PHE A 45 1.14 -2.08 5.41
N HIS A 46 0.77 -1.72 4.19
CA HIS A 46 1.64 -0.84 3.43
C HIS A 46 0.86 -0.07 2.36
N LEU A 47 1.46 1.02 1.88
CA LEU A 47 0.97 1.77 0.73
C LEU A 47 2.04 1.70 -0.35
N SER A 48 1.69 1.11 -1.46
CA SER A 48 2.64 0.93 -2.56
C SER A 48 3.09 2.22 -3.21
N LEU A 49 4.40 2.24 -3.54
CA LEU A 49 4.99 3.31 -4.32
C LEU A 49 5.54 2.81 -5.68
N SER A 50 5.57 1.51 -5.87
CA SER A 50 6.06 0.90 -7.11
C SER A 50 5.21 -0.33 -7.43
N GLN A 51 5.27 -0.81 -8.69
CA GLN A 51 4.83 -2.10 -9.05
C GLN A 51 5.78 -3.14 -8.43
N SER A 52 5.36 -4.40 -8.39
CA SER A 52 6.27 -5.47 -7.99
C SER A 52 7.02 -5.85 -9.25
N VAL A 53 8.33 -5.60 -9.24
CA VAL A 53 9.17 -5.78 -10.44
C VAL A 53 10.22 -6.83 -10.14
N VAL A 54 10.95 -7.25 -11.16
CA VAL A 54 12.00 -8.22 -10.97
C VAL A 54 13.35 -7.54 -11.23
N LEU A 55 14.29 -7.70 -10.31
CA LEU A 55 15.59 -7.04 -10.37
C LEU A 55 16.73 -7.99 -10.20
N ARG A 56 17.70 -7.90 -11.11
CA ARG A 56 18.85 -8.78 -11.00
C ARG A 56 19.59 -8.59 -9.67
N HIS A 57 20.06 -9.71 -9.11
CA HIS A 57 20.61 -9.68 -7.77
C HIS A 57 21.69 -8.64 -7.51
N HIS A 58 22.64 -8.49 -8.47
CA HIS A 58 23.72 -7.56 -8.20
C HIS A 58 23.32 -6.13 -8.21
N TRP A 59 22.10 -5.84 -8.66
CA TRP A 59 21.63 -4.47 -8.59
C TRP A 59 20.74 -4.17 -7.37
N ILE A 60 20.50 -5.15 -6.48
CA ILE A 60 19.64 -4.89 -5.29
C ILE A 60 20.22 -3.77 -4.41
N LEU A 61 21.48 -3.93 -4.02
CA LEU A 61 22.07 -2.96 -3.11
C LEU A 61 22.21 -1.57 -3.79
N PRO A 62 22.67 -1.49 -5.04
CA PRO A 62 22.73 -0.18 -5.66
C PRO A 62 21.34 0.49 -5.85
N PHE A 63 20.33 -0.31 -6.08
CA PHE A 63 18.94 0.19 -6.19
C PHE A 63 18.49 0.78 -4.86
N VAL A 64 18.71 0.04 -3.79
CA VAL A 64 18.39 0.49 -2.47
C VAL A 64 19.14 1.79 -2.14
N GLN A 65 20.44 1.88 -2.47
CA GLN A 65 21.19 3.08 -2.14
C GLN A 65 20.65 4.30 -2.92
N ALA A 66 20.23 4.08 -4.17
CA ALA A 66 19.61 5.15 -4.97
C ALA A 66 18.30 5.65 -4.36
N LEU A 67 17.51 4.73 -3.86
CA LEU A 67 16.29 5.08 -3.19
CA LEU A 67 16.28 5.10 -3.17
C LEU A 67 16.61 5.87 -1.91
N LYS A 68 17.59 5.40 -1.14
CA LYS A 68 17.97 6.09 0.09
C LYS A 68 18.38 7.55 -0.15
N ALA A 69 19.19 7.76 -1.17
CA ALA A 69 19.64 9.09 -1.52
C ALA A 69 18.43 9.99 -1.78
N ARG A 70 17.46 9.53 -2.56
CA ARG A 70 16.29 10.37 -2.90
C ARG A 70 15.34 10.58 -1.73
N MET A 71 15.07 9.50 -1.01
CA MET A 71 14.10 9.58 0.07
C MET A 71 14.55 10.37 1.24
N THR A 72 15.84 10.41 1.50
CA THR A 72 16.25 11.02 2.71
C THR A 72 16.21 12.58 2.58
N SER A 73 15.96 13.13 1.39
CA SER A 73 15.73 14.57 1.27
C SER A 73 14.26 14.88 1.08
N PHE A 74 13.42 13.84 1.11
CA PHE A 74 12.00 14.03 0.88
C PHE A 74 11.28 14.27 2.22
N HIS A 75 10.51 15.36 2.32
CA HIS A 75 9.92 15.67 3.58
C HIS A 75 8.70 14.81 3.91
N ARG A 76 8.63 14.41 5.17
CA ARG A 76 7.47 13.75 5.74
C ARG A 76 6.21 14.56 5.57
N PHE A 77 5.07 13.87 5.51
CA PHE A 77 3.77 14.53 5.34
C PHE A 77 2.67 13.71 6.02
N PHE A 78 1.50 14.32 6.21
CA PHE A 78 0.32 13.65 6.70
C PHE A 78 -0.60 13.26 5.57
N PHE A 79 -1.29 12.16 5.77
CA PHE A 79 -2.31 11.75 4.84
C PHE A 79 -3.54 11.20 5.57
N THR A 80 -4.63 11.13 4.83
CA THR A 80 -5.87 10.54 5.34
C THR A 80 -6.22 9.31 4.53
N ALA A 81 -6.55 8.21 5.22
CA ALA A 81 -6.97 7.00 4.52
C ALA A 81 -8.16 6.43 5.25
N ASN A 82 -9.35 6.98 5.00
CA ASN A 82 -10.59 6.53 5.69
C ASN A 82 -11.75 6.21 4.76
N GLN A 83 -11.47 6.07 3.45
CA GLN A 83 -12.48 5.72 2.45
C GLN A 83 -12.32 4.26 1.98
N VAL A 84 -13.32 3.43 2.32
CA VAL A 84 -13.26 2.05 1.98
C VAL A 84 -13.49 1.88 0.50
N LYS A 85 -12.67 1.02 -0.12
CA LYS A 85 -12.69 0.71 -1.56
C LYS A 85 -12.39 -0.76 -1.80
N ILE A 86 -13.07 -1.30 -2.79
CA ILE A 86 -12.90 -2.69 -3.28
C ILE A 86 -12.05 -2.62 -4.55
N TYR A 87 -11.03 -3.43 -4.70
N TYR A 87 -10.95 -3.39 -4.55
CA TYR A 87 -10.32 -3.45 -5.94
CA TYR A 87 -9.93 -3.46 -5.61
C TYR A 87 -9.67 -4.81 -6.09
C TYR A 87 -9.72 -4.91 -6.08
N THR A 88 -9.26 -5.09 -7.31
CA THR A 88 -8.68 -6.36 -7.68
C THR A 88 -7.26 -6.15 -8.12
N ASN A 89 -6.51 -7.23 -8.29
CA ASN A 89 -5.26 -7.15 -8.99
C ASN A 89 -5.58 -7.14 -10.47
N GLN A 90 -4.53 -6.92 -11.27
CA GLN A 90 -4.69 -6.69 -12.70
C GLN A 90 -5.52 -7.79 -13.35
N GLU A 91 -5.24 -9.05 -12.98
CA GLU A 91 -5.89 -10.18 -13.63
C GLU A 91 -7.20 -10.64 -13.03
N LYS A 92 -7.66 -9.92 -12.00
CA LYS A 92 -8.93 -10.24 -11.34
C LYS A 92 -8.95 -11.67 -10.74
N THR A 93 -7.79 -12.12 -10.25
CA THR A 93 -7.71 -13.37 -9.51
C THR A 93 -7.60 -13.15 -8.01
N ARG A 94 -7.45 -11.89 -7.58
CA ARG A 94 -7.54 -11.55 -6.16
C ARG A 94 -8.39 -10.27 -5.99
N THR A 95 -9.11 -10.22 -4.86
CA THR A 95 -9.88 -9.04 -4.46
C THR A 95 -9.39 -8.56 -3.11
N PHE A 96 -9.39 -7.24 -2.95
CA PHE A 96 -8.91 -6.56 -1.76
C PHE A 96 -9.99 -5.63 -1.20
N ILE A 97 -10.05 -5.53 0.12
CA ILE A 97 -10.71 -4.42 0.78
C ILE A 97 -9.60 -3.49 1.25
N GLY A 98 -9.64 -2.21 0.86
CA GLY A 98 -8.64 -1.27 1.34
C GLY A 98 -9.17 0.08 1.73
N LEU A 99 -8.28 0.89 2.31
CA LEU A 99 -8.57 2.27 2.65
C LEU A 99 -7.82 3.19 1.71
N GLU A 100 -8.57 3.92 0.90
CA GLU A 100 -8.02 4.82 -0.15
C GLU A 100 -7.60 6.14 0.46
N VAL A 101 -6.44 6.63 0.02
CA VAL A 101 -5.91 7.90 0.45
C VAL A 101 -6.64 9.01 -0.25
N THR A 102 -7.07 9.96 0.50
CA THR A 102 -7.68 11.22 0.00
C THR A 102 -6.65 12.32 0.21
N SER A 103 -6.78 13.11 1.28
N SER A 103 -6.76 13.09 1.29
CA SER A 103 -5.79 14.09 1.64
CA SER A 103 -5.79 14.11 1.65
C SER A 103 -4.43 13.41 1.67
C SER A 103 -4.41 13.45 1.74
N GLY A 104 -3.43 14.06 1.08
CA GLY A 104 -2.07 13.48 0.98
C GLY A 104 -1.81 12.74 -0.29
N HIS A 105 -2.82 12.56 -1.16
CA HIS A 105 -2.61 11.84 -2.43
C HIS A 105 -1.51 12.52 -3.26
N ALA A 106 -1.56 13.85 -3.33
CA ALA A 106 -0.62 14.60 -4.16
C ALA A 106 0.82 14.41 -3.64
N GLN A 107 0.99 14.35 -2.33
CA GLN A 107 2.31 14.07 -1.74
C GLN A 107 2.79 12.66 -2.08
N PHE A 108 1.89 11.69 -2.08
CA PHE A 108 2.21 10.34 -2.59
C PHE A 108 2.64 10.38 -4.05
N LEU A 109 1.99 11.20 -4.88
CA LEU A 109 2.40 11.31 -6.27
C LEU A 109 3.84 11.85 -6.34
N ASP A 110 4.19 12.83 -5.50
CA ASP A 110 5.54 13.33 -5.49
C ASP A 110 6.55 12.24 -5.05
N LEU A 111 6.21 11.43 -4.05
CA LEU A 111 7.06 10.28 -3.68
C LEU A 111 7.21 9.31 -4.86
N VAL A 112 6.12 8.96 -5.55
CA VAL A 112 6.16 8.07 -6.69
C VAL A 112 7.05 8.66 -7.78
N SER A 113 7.05 9.98 -7.96
N SER A 113 7.03 9.97 -7.97
CA SER A 113 7.87 10.59 -9.03
CA SER A 113 7.87 10.59 -9.01
C SER A 113 9.33 10.31 -8.76
C SER A 113 9.29 10.20 -8.75
N GLU A 114 9.72 10.32 -7.49
CA GLU A 114 11.10 9.97 -7.13
C GLU A 114 11.40 8.50 -7.26
N VAL A 115 10.49 7.65 -6.80
CA VAL A 115 10.69 6.20 -6.96
C VAL A 115 10.75 5.83 -8.44
N ASP A 116 9.85 6.40 -9.26
CA ASP A 116 9.86 6.16 -10.69
C ASP A 116 11.20 6.48 -11.34
N ARG A 117 11.84 7.54 -10.89
CA ARG A 117 13.15 7.89 -11.48
C ARG A 117 14.19 6.77 -11.19
N VAL A 118 14.15 6.23 -9.96
CA VAL A 118 15.03 5.10 -9.66
C VAL A 118 14.64 3.86 -10.54
N MET A 119 13.34 3.58 -10.68
CA MET A 119 12.92 2.50 -11.55
C MET A 119 13.48 2.65 -12.96
N GLU A 120 13.37 3.88 -13.50
CA GLU A 120 13.91 4.11 -14.84
C GLU A 120 15.45 3.90 -14.88
N GLU A 121 16.11 4.33 -13.84
CA GLU A 121 17.58 4.14 -13.75
C GLU A 121 17.98 2.70 -13.84
N PHE A 122 17.18 1.81 -13.28
CA PHE A 122 17.44 0.36 -13.29
C PHE A 122 16.66 -0.41 -14.31
N ASN A 123 16.07 0.32 -15.27
CA ASN A 123 15.39 -0.26 -16.40
C ASN A 123 14.15 -1.08 -15.96
N LEU A 124 13.47 -0.59 -14.94
CA LEU A 124 12.30 -1.26 -14.37
C LEU A 124 11.00 -0.46 -14.68
N THR A 125 9.87 -1.15 -14.62
N THR A 125 9.86 -1.12 -14.66
CA THR A 125 8.52 -0.58 -14.80
CA THR A 125 8.63 -0.38 -14.97
C THR A 125 8.19 0.57 -13.82
C THR A 125 8.28 0.62 -13.87
N THR A 126 7.73 1.72 -14.35
CA THR A 126 7.25 2.80 -13.50
C THR A 126 5.83 2.55 -13.02
N PHE A 127 5.37 3.41 -12.14
CA PHE A 127 4.09 3.12 -11.45
C PHE A 127 2.86 3.14 -12.35
N TYR A 128 1.81 2.54 -11.84
CA TYR A 128 0.55 2.50 -12.58
C TYR A 128 0.06 3.85 -13.06
N GLN A 129 -0.46 3.90 -14.30
CA GLN A 129 -1.14 5.08 -14.77
CA GLN A 129 -1.16 5.09 -14.76
C GLN A 129 -2.40 5.29 -13.87
N ASP A 130 -2.70 6.53 -13.54
CA ASP A 130 -3.89 6.85 -12.73
C ASP A 130 -3.90 6.09 -11.41
N PRO A 131 -2.87 6.32 -10.61
CA PRO A 131 -2.77 5.49 -9.41
C PRO A 131 -3.78 5.87 -8.31
N SER A 132 -4.10 4.84 -7.53
CA SER A 132 -4.96 4.98 -6.37
C SER A 132 -4.26 4.43 -5.15
N PHE A 133 -3.74 5.29 -4.28
CA PHE A 133 -2.97 4.86 -3.14
C PHE A 133 -3.92 4.30 -2.10
N HIS A 134 -3.59 3.13 -1.58
CA HIS A 134 -4.43 2.53 -0.59
C HIS A 134 -3.70 1.56 0.31
N LEU A 135 -4.26 1.48 1.49
CA LEU A 135 -3.88 0.54 2.54
C LEU A 135 -4.80 -0.67 2.43
N SER A 136 -4.31 -1.78 1.93
CA SER A 136 -5.05 -3.05 1.89
C SER A 136 -5.23 -3.68 3.26
N LEU A 137 -6.47 -4.10 3.57
CA LEU A 137 -6.76 -4.62 4.90
C LEU A 137 -6.97 -6.12 4.90
N ALA A 138 -7.48 -6.63 3.80
CA ALA A 138 -7.83 -8.07 3.67
C ALA A 138 -7.92 -8.40 2.17
N TRP A 139 -7.78 -9.67 1.83
CA TRP A 139 -7.82 -10.12 0.47
C TRP A 139 -8.49 -11.46 0.34
N CYS A 140 -8.95 -11.82 -0.86
CA CYS A 140 -9.42 -13.19 -1.13
C CYS A 140 -9.05 -13.61 -2.55
N VAL A 141 -9.14 -14.92 -2.80
CA VAL A 141 -8.94 -15.40 -4.17
C VAL A 141 -10.23 -15.18 -4.96
N GLY A 142 -10.07 -14.93 -6.25
CA GLY A 142 -11.21 -14.71 -7.10
C GLY A 142 -11.59 -13.24 -7.11
N ASP A 143 -12.65 -12.98 -7.88
CA ASP A 143 -13.19 -11.66 -8.12
C ASP A 143 -14.48 -11.59 -7.29
N ALA A 144 -14.40 -11.00 -6.11
CA ALA A 144 -15.57 -10.90 -5.25
C ALA A 144 -16.18 -9.54 -5.23
N ARG A 145 -15.88 -8.74 -6.27
CA ARG A 145 -16.40 -7.36 -6.33
C ARG A 145 -17.93 -7.31 -6.19
N LEU A 146 -18.66 -8.21 -6.85
CA LEU A 146 -20.13 -8.20 -6.79
C LEU A 146 -20.67 -8.39 -5.39
N GLN A 147 -19.99 -9.17 -4.58
CA GLN A 147 -20.41 -9.41 -3.21
C GLN A 147 -20.06 -8.30 -2.23
N LEU A 148 -18.92 -7.64 -2.48
CA LEU A 148 -18.42 -6.64 -1.56
C LEU A 148 -18.94 -5.19 -1.83
N GLU A 149 -19.17 -4.88 -3.10
CA GLU A 149 -19.62 -3.55 -3.44
C GLU A 149 -21.11 -3.45 -3.09
N GLY A 150 -21.66 -2.26 -3.04
CA GLY A 150 -23.07 -2.18 -2.69
C GLY A 150 -23.32 -2.13 -1.20
N GLN A 151 -24.25 -2.94 -0.72
CA GLN A 151 -24.64 -2.90 0.70
C GLN A 151 -23.44 -3.13 1.66
N CYS A 152 -22.59 -4.13 1.37
CA CYS A 152 -21.47 -4.41 2.24
C CYS A 152 -20.56 -3.18 2.35
N LEU A 153 -20.15 -2.66 1.21
CA LEU A 153 -19.25 -1.52 1.22
C LEU A 153 -19.84 -0.33 1.99
N GLN A 154 -21.14 -0.07 1.83
CA GLN A 154 -21.76 1.03 2.57
C GLN A 154 -21.72 0.81 4.06
N GLU A 155 -21.90 -0.42 4.50
CA GLU A 155 -21.83 -0.73 5.89
C GLU A 155 -20.41 -0.67 6.45
N LEU A 156 -19.41 -1.10 5.65
CA LEU A 156 -18.02 -0.92 6.05
C LEU A 156 -17.65 0.54 6.19
N GLN A 157 -18.14 1.37 5.24
CA GLN A 157 -17.90 2.79 5.33
C GLN A 157 -18.54 3.39 6.61
N ALA A 158 -19.74 2.92 6.94
CA ALA A 158 -20.42 3.39 8.14
C ALA A 158 -19.64 3.07 9.42
N ILE A 159 -19.03 1.88 9.46
CA ILE A 159 -18.20 1.50 10.60
C ILE A 159 -17.01 2.43 10.73
N VAL A 160 -16.35 2.71 9.61
CA VAL A 160 -15.21 3.62 9.64
C VAL A 160 -15.61 5.04 10.05
N ASP A 161 -16.70 5.52 9.49
CA ASP A 161 -17.22 6.89 9.77
C ASP A 161 -17.59 7.01 11.26
N GLY A 162 -18.00 5.88 11.83
CA GLY A 162 -18.32 5.83 13.24
C GLY A 162 -17.17 5.67 14.21
N PHE A 163 -15.91 5.70 13.74
CA PHE A 163 -14.70 5.56 14.62
C PHE A 163 -14.04 6.88 15.02
N GLU A 167 -7.24 10.94 13.86
CA GLU A 167 -6.03 10.13 13.71
C GLU A 167 -6.41 8.67 13.64
N VAL A 168 -5.38 7.82 13.81
CA VAL A 168 -5.33 6.45 13.32
C VAL A 168 -5.52 6.47 11.80
N LEU A 169 -6.54 7.19 11.29
CA LEU A 169 -6.82 7.10 9.86
C LEU A 169 -6.85 8.48 9.26
N LEU A 170 -7.22 9.48 10.07
CA LEU A 170 -7.48 10.86 9.62
C LEU A 170 -6.23 11.64 9.31
N ARG A 171 -5.25 11.42 10.18
CA ARG A 171 -3.95 12.07 10.10
CA ARG A 171 -3.96 12.07 10.12
C ARG A 171 -2.87 11.02 10.38
N VAL A 172 -2.44 10.30 9.33
CA VAL A 172 -1.29 9.38 9.40
C VAL A 172 -0.02 10.09 8.92
N HIS A 173 1.08 9.97 9.64
CA HIS A 173 2.31 10.70 9.29
C HIS A 173 3.25 9.72 8.61
N THR A 174 3.68 10.01 7.38
CA THR A 174 4.66 9.15 6.72
C THR A 174 6.00 9.43 7.36
N GLU A 175 6.72 8.39 7.71
CA GLU A 175 7.98 8.48 8.45
C GLU A 175 9.11 7.75 7.70
N GLN A 176 8.77 6.69 6.97
CA GLN A 176 9.76 5.82 6.33
C GLN A 176 9.29 5.37 5.00
N VAL A 177 10.27 4.94 4.17
CA VAL A 177 10.02 4.18 2.94
C VAL A 177 10.77 2.85 3.10
N ARG A 178 10.20 1.82 2.56
CA ARG A 178 10.84 0.49 2.62
C ARG A 178 10.84 -0.19 1.29
N CYS A 179 11.90 -0.98 1.06
CA CYS A 179 12.00 -1.74 -0.17
C CYS A 179 12.11 -3.20 0.28
N LYS A 180 11.24 -4.04 -0.24
CA LYS A 180 11.38 -5.49 -0.14
CA LYS A 180 11.38 -5.49 -0.12
C LYS A 180 12.00 -6.03 -1.41
N SER A 181 13.06 -6.84 -1.29
CA SER A 181 13.59 -7.51 -2.45
C SER A 181 13.80 -8.99 -2.05
N GLY A 182 13.06 -9.90 -2.66
CA GLY A 182 13.06 -11.29 -2.24
C GLY A 182 12.65 -11.37 -0.78
N ASN A 183 13.52 -11.95 0.07
CA ASN A 183 13.23 -11.99 1.48
C ASN A 183 13.96 -10.93 2.31
N LYS A 184 14.46 -9.90 1.63
CA LYS A 184 15.25 -8.84 2.24
C LYS A 184 14.39 -7.58 2.38
N PHE A 185 14.57 -6.86 3.48
CA PHE A 185 13.76 -5.63 3.72
C PHE A 185 14.67 -4.50 4.12
N PHE A 186 14.64 -3.43 3.32
CA PHE A 186 15.54 -2.28 3.47
C PHE A 186 14.74 -1.02 3.81
N SER A 187 15.07 -0.39 4.90
CA SER A 187 14.31 0.74 5.47
C SER A 187 15.07 2.06 5.34
N MET A 188 14.37 3.18 5.26
CA MET A 188 15.04 4.48 5.21
C MET A 188 14.09 5.50 5.74
N PRO A 189 14.65 6.49 6.48
CA PRO A 189 13.80 7.57 6.99
C PRO A 189 13.58 8.67 5.96
N LEU A 190 12.38 9.25 6.01
CA LEU A 190 12.16 10.51 5.32
C LEU A 190 12.74 11.65 6.15
N LYS A 191 12.91 12.83 5.56
CA LYS A 191 13.39 13.98 6.32
C LYS A 191 12.29 14.51 7.31
CL CL B . -16.41 -17.28 0.60
C1 GOL C . 24.09 2.92 7.62
O1 GOL C . 24.03 4.28 7.98
C2 GOL C . 23.53 2.49 6.25
O2 GOL C . 22.94 3.57 5.52
C3 GOL C . 24.56 1.65 5.46
O3 GOL C . 24.33 1.55 4.06
H11 GOL C . 25.13 2.61 7.68
H12 GOL C . 23.56 2.35 8.39
HO1 GOL C . 24.36 4.41 8.90
H2 GOL C . 22.72 1.80 6.48
HO2 GOL C . 23.64 4.19 5.22
H31 GOL C . 25.54 2.08 5.63
H32 GOL C . 24.57 0.64 5.89
HO3 GOL C . 24.51 0.63 3.77
C1 GOL D . 5.64 -6.17 3.32
O1 GOL D . 4.81 -5.04 3.54
C2 GOL D . 5.58 -6.67 1.87
O2 GOL D . 4.73 -7.79 1.72
C3 GOL D . 5.18 -5.65 0.82
O3 GOL D . 5.75 -6.05 -0.42
H11 GOL D . 5.33 -6.97 3.99
H12 GOL D . 6.67 -5.90 3.57
HO1 GOL D . 4.83 -4.79 4.50
H2 GOL D . 6.59 -7.00 1.62
HO2 GOL D . 3.80 -7.50 1.84
H31 GOL D . 4.10 -5.61 0.74
H32 GOL D . 5.56 -4.67 1.11
HO3 GOL D . 6.60 -5.59 -0.55
C1 GOL E . 21.73 9.28 -7.15
O1 GOL E . 22.57 8.10 -7.26
C2 GOL E . 20.51 9.19 -8.06
O2 GOL E . 20.63 8.95 -9.44
C3 GOL E . 19.85 8.02 -7.47
O3 GOL E . 18.61 7.85 -8.10
H11 GOL E . 21.41 9.41 -6.12
H12 GOL E . 22.32 10.16 -7.44
HO1 GOL E . 23.38 8.23 -6.71
H2 GOL E . 19.89 10.06 -7.88
HO2 GOL E . 21.15 8.14 -9.59
H31 GOL E . 20.45 7.12 -7.61
H32 GOL E . 19.69 8.17 -6.41
HO3 GOL E . 18.54 6.94 -8.46
C1 GOL F . 21.63 8.33 2.72
O1 GOL F . 21.27 7.12 3.41
C2 GOL F . 21.92 8.17 1.21
O2 GOL F . 22.36 9.40 0.70
C3 GOL F . 23.00 7.16 0.85
O3 GOL F . 22.73 6.53 -0.40
H11 GOL F . 20.84 9.06 2.85
H12 GOL F . 22.53 8.74 3.20
HO1 GOL F . 21.19 7.31 4.37
H2 GOL F . 20.98 7.87 0.72
HO2 GOL F . 23.22 9.63 1.10
H31 GOL F . 23.97 7.67 0.79
H32 GOL F . 23.08 6.41 1.63
HO3 GOL F . 23.24 5.70 -0.45
C1 GOL G . -11.88 13.18 4.85
O1 GOL G . -10.92 14.20 4.91
C2 GOL G . -11.86 12.62 3.42
O2 GOL G . -11.29 11.35 3.47
C3 GOL G . -13.28 12.55 2.84
O3 GOL G . -13.33 11.85 1.62
H11 GOL G . -11.64 12.40 5.56
H12 GOL G . -12.87 13.58 5.08
HO1 GOL G . -10.95 14.63 5.78
H2 GOL G . -11.25 13.27 2.80
HO2 GOL G . -11.85 10.78 4.05
H31 GOL G . -13.93 12.06 3.56
H32 GOL G . -13.65 13.56 2.68
HO3 GOL G . -13.56 10.91 1.79
C1 GOL H . 6.62 3.82 10.93
O1 GOL H . 5.66 4.26 10.01
C2 GOL H . 6.13 2.50 11.52
O2 GOL H . 7.08 2.04 12.44
C3 GOL H . 5.94 1.49 10.41
O3 GOL H . 5.68 0.23 10.96
H11 GOL H . 7.58 3.67 10.44
H12 GOL H . 6.74 4.56 11.72
HO1 GOL H . 5.92 5.13 9.67
H2 GOL H . 5.17 2.66 12.03
HO2 GOL H . 6.79 1.18 12.83
H31 GOL H . 5.10 1.79 9.77
H32 GOL H . 6.84 1.44 9.79
HO3 GOL H . 5.60 -0.44 10.24
N1 U5P I . -3.14 -1.47 -7.92
C2 U5P I . -3.41 -0.84 -9.17
N3 U5P I . -3.26 0.49 -9.31
C4 U5P I . -2.84 1.25 -8.30
C5 U5P I . -2.56 0.66 -7.08
C6 U5P I . -2.74 -0.72 -6.93
O2 U5P I . -3.79 -1.54 -10.13
O4 U5P I . -2.70 2.46 -8.44
C1' U5P I . -3.38 -2.95 -7.77
C2' U5P I . -2.14 -3.81 -8.08
O2' U5P I . -2.55 -4.98 -8.79
C3' U5P I . -1.69 -4.20 -6.69
C4' U5P I . -3.00 -4.36 -5.95
O3' U5P I . -0.85 -5.36 -6.61
O4' U5P I . -3.80 -3.26 -6.45
C5' U5P I . -2.87 -4.25 -4.46
O5' U5P I . -2.20 -3.03 -4.17
P U5P I . -1.31 -2.82 -2.87
O1P U5P I . -0.50 -1.65 -3.31
O2P U5P I . -0.51 -4.08 -2.69
O3P U5P I . -2.34 -2.41 -1.84
HN3 U5P I . -3.44 0.93 -10.24
H5 U5P I . -2.24 1.26 -6.24
H6 U5P I . -2.54 -1.16 -5.96
H1' U5P I . -4.17 -3.25 -8.48
H2' U5P I . -1.37 -3.24 -8.61
HO2' U5P I . -1.80 -5.58 -8.86
H3' U5P I . -1.16 -3.34 -6.25
H4' U5P I . -3.46 -5.32 -6.21
HO3' U5P I . -0.05 -5.20 -7.13
H5'1 U5P I . -3.85 -4.26 -3.99
H5'2 U5P I . -2.30 -5.09 -4.07
#